data_5X93
#
_entry.id   5X93
#
_cell.length_a   74.130
_cell.length_b   147.480
_cell.length_c   108.380
_cell.angle_alpha   90.000
_cell.angle_beta   90.000
_cell.angle_gamma   90.000
#
_symmetry.space_group_name_H-M   'C 2 2 21'
#
loop_
_entity.id
_entity.type
_entity.pdbx_description
1 polymer 'Endothelin B receptor,Endolysin,Endothelin B receptor'
2 non-polymer 3-[6-[(4-tert-butylphenyl)sulfonylamino]-5-(2-methoxyphenoxy)-2-pyrimidin-2-yl-pyrimidin-4-yl]oxy-N-(2,6-dimethylphenyl)propanamide
3 non-polymer '(2R)-2,3-dihydroxypropyl (9Z)-octadec-9-enoate'
4 non-polymer CHOLESTEROL
5 non-polymer 'SULFATE ION'
6 water water
#
_entity_poly.entity_id   1
_entity_poly.type   'polypeptide(L)'
_entity_poly.pdbx_seq_one_letter_code
;GGGLAPAEVPKGDRTAGSPPRTISPPPCQGPIEIKETFKYINTVVSCLVFVLGIIGNSTLLYIIYKNKCMRNGPNILIAS
LALGDLLHIVIAIPINVYKLLAEDWPFGAEMCKLVPFIQKASVGITVLSLCALSIDRYRAVASWSRIKGIGVPKWTAVEI
VLIWVVSVVLAVPEAIGFDIITMDYKGSYLRICLLHPVQKTAFMQFYATAKDWWLFSFYFCLPLAITAFFYTLMTCEMLR
KNIFEMLRIDEGGGSGGDEAEKLFNQDVDAAVRGILRNAKLKPVYDSLDAVRRAALINMVFQMGETGVAGFTNSLRMLQQ
KRWDEAAVNLAKSRWYNQTPNRAKRVITTFRTGTWDAYLNDHLKQRREVAKTVFCLVLVFALCWLPLHLARILKLTLYNQ
NDPNRCELLSFLLVLDYIGINMASLNSCANPIALYLVSKRFKNAFKSALCCWAQSPSSENLYFQ
;
_entity_poly.pdbx_strand_id   A
#
# COMPACT_ATOMS: atom_id res chain seq x y z
N ILE A 23 -9.10 42.81 3.73
CA ILE A 23 -9.10 43.71 4.87
C ILE A 23 -9.29 42.89 6.17
N SER A 24 -8.99 41.57 6.11
CA SER A 24 -9.11 40.64 7.23
C SER A 24 -7.74 40.25 7.78
N PRO A 25 -7.57 40.09 9.09
CA PRO A 25 -6.20 39.92 9.65
C PRO A 25 -6.06 38.73 10.58
N PRO A 26 -4.81 38.33 10.87
CA PRO A 26 -4.55 37.33 11.95
C PRO A 26 -3.49 37.85 12.93
N PRO A 27 -3.27 37.15 14.09
CA PRO A 27 -2.25 37.65 15.04
C PRO A 27 -1.47 36.68 15.96
N CYS A 28 -0.27 36.21 15.65
CA CYS A 28 0.62 35.71 16.73
C CYS A 28 2.09 35.70 16.31
N GLN A 29 2.86 34.84 17.01
CA GLN A 29 4.30 34.85 17.23
C GLN A 29 4.99 33.61 16.70
N GLY A 30 4.55 32.42 17.10
CA GLY A 30 5.27 31.20 16.80
C GLY A 30 5.31 30.85 15.32
N PRO A 31 4.14 30.89 14.67
CA PRO A 31 4.07 30.58 13.24
C PRO A 31 5.04 31.34 12.33
N ILE A 32 5.51 32.54 12.71
CA ILE A 32 6.20 33.40 11.76
C ILE A 32 7.47 32.74 11.24
N GLU A 33 8.39 32.40 12.13
CA GLU A 33 9.68 31.89 11.69
C GLU A 33 9.57 30.48 11.13
N ILE A 34 8.63 29.68 11.63
CA ILE A 34 8.41 28.35 11.08
C ILE A 34 7.99 28.44 9.62
N LYS A 35 7.04 29.33 9.33
CA LYS A 35 6.60 29.51 7.95
C LYS A 35 7.76 29.96 7.06
N GLU A 36 8.55 30.93 7.54
CA GLU A 36 9.70 31.37 6.76
C GLU A 36 10.76 30.29 6.66
N THR A 37 11.01 29.57 7.77
CA THR A 37 11.98 28.48 7.74
C THR A 37 11.55 27.40 6.75
N PHE A 38 10.26 27.06 6.74
CA PHE A 38 9.79 25.98 5.87
C PHE A 38 9.59 26.42 4.43
N LYS A 39 9.69 27.72 4.13
CA LYS A 39 9.57 28.16 2.75
C LYS A 39 10.62 27.49 1.86
N TYR A 40 11.84 27.36 2.37
CA TYR A 40 12.89 26.74 1.59
C TYR A 40 12.79 25.22 1.60
N ILE A 41 12.34 24.64 2.72
CA ILE A 41 12.15 23.20 2.76
C ILE A 41 11.05 22.77 1.81
N ASN A 42 9.93 23.48 1.82
CA ASN A 42 8.81 23.13 0.94
C ASN A 42 9.18 23.32 -0.52
N THR A 43 9.97 24.35 -0.83
CA THR A 43 10.39 24.59 -2.21
C THR A 43 11.31 23.48 -2.70
N VAL A 44 12.22 23.01 -1.84
CA VAL A 44 13.16 21.96 -2.26
C VAL A 44 12.42 20.64 -2.46
N VAL A 45 11.55 20.28 -1.51
CA VAL A 45 10.83 19.02 -1.61
C VAL A 45 9.94 18.99 -2.86
N SER A 46 9.27 20.10 -3.14
CA SER A 46 8.42 20.18 -4.33
C SER A 46 9.24 19.99 -5.61
N CYS A 47 10.42 20.63 -5.68
CA CYS A 47 11.26 20.48 -6.85
C CYS A 47 11.79 19.06 -6.97
N LEU A 48 12.14 18.44 -5.84
CA LEU A 48 12.53 17.03 -5.84
C LEU A 48 11.38 16.16 -6.35
N VAL A 49 10.19 16.33 -5.79
CA VAL A 49 9.02 15.57 -6.24
C VAL A 49 8.77 15.80 -7.72
N PHE A 50 8.91 17.05 -8.16
CA PHE A 50 8.69 17.37 -9.57
C PHE A 50 9.62 16.57 -10.48
N VAL A 51 10.91 16.55 -10.16
CA VAL A 51 11.87 15.88 -11.03
C VAL A 51 11.75 14.37 -10.94
N LEU A 52 11.79 13.84 -9.71
CA LEU A 52 11.64 12.40 -9.52
C LEU A 52 10.30 11.91 -10.04
N GLY A 53 9.23 12.66 -9.77
CA GLY A 53 7.90 12.23 -10.20
C GLY A 53 7.72 12.30 -11.70
N ILE A 54 8.28 13.33 -12.35
CA ILE A 54 8.08 13.49 -13.78
C ILE A 54 8.77 12.36 -14.54
N ILE A 55 9.97 11.98 -14.11
CA ILE A 55 10.72 10.93 -14.79
C ILE A 55 10.17 9.56 -14.40
N GLY A 56 9.95 9.32 -13.11
CA GLY A 56 9.52 8.00 -12.68
C GLY A 56 8.16 7.62 -13.23
N ASN A 57 7.20 8.54 -13.19
CA ASN A 57 5.85 8.20 -13.62
C ASN A 57 5.73 8.12 -15.13
N SER A 58 6.39 9.02 -15.87
CA SER A 58 6.44 8.89 -17.32
C SER A 58 7.06 7.57 -17.73
N THR A 59 8.20 7.22 -17.11
CA THR A 59 8.84 5.94 -17.41
C THR A 59 7.95 4.76 -17.04
N LEU A 60 7.26 4.85 -15.89
CA LEU A 60 6.38 3.78 -15.47
C LEU A 60 5.26 3.54 -16.48
N LEU A 61 4.61 4.62 -16.93
CA LEU A 61 3.59 4.50 -17.96
C LEU A 61 4.15 3.82 -19.20
N TYR A 62 5.27 4.34 -19.71
CA TYR A 62 5.97 3.76 -20.85
C TYR A 62 6.19 2.26 -20.67
N ILE A 63 6.61 1.84 -19.48
CA ILE A 63 6.94 0.44 -19.26
C ILE A 63 5.67 -0.42 -19.25
N ILE A 64 4.65 0.03 -18.52
CA ILE A 64 3.47 -0.79 -18.27
C ILE A 64 2.76 -1.12 -19.58
N TYR A 65 2.52 -0.10 -20.42
CA TYR A 65 1.74 -0.33 -21.62
C TYR A 65 2.47 -1.19 -22.63
N LYS A 66 3.82 -1.15 -22.62
CA LYS A 66 4.56 -1.89 -23.64
C LYS A 66 4.59 -3.39 -23.35
N ASN A 67 4.76 -3.77 -22.09
CA ASN A 67 4.72 -5.19 -21.74
C ASN A 67 3.29 -5.71 -21.92
N LYS A 68 3.08 -6.49 -22.97
CA LYS A 68 1.75 -7.00 -23.27
C LYS A 68 1.25 -7.98 -22.21
N CYS A 69 2.16 -8.62 -21.47
CA CYS A 69 1.74 -9.48 -20.37
C CYS A 69 1.38 -8.69 -19.13
N MET A 70 1.96 -7.50 -18.97
CA MET A 70 1.51 -6.59 -17.92
C MET A 70 0.13 -6.04 -18.24
N ARG A 71 -0.02 -5.49 -19.45
CA ARG A 71 -1.28 -4.88 -19.89
C ARG A 71 -2.44 -5.85 -19.77
N ASN A 72 -2.17 -7.15 -19.87
CA ASN A 72 -3.22 -8.16 -19.82
C ASN A 72 -4.03 -8.09 -18.54
N GLY A 73 -3.42 -7.67 -17.43
CA GLY A 73 -4.06 -7.83 -16.14
C GLY A 73 -4.02 -6.61 -15.24
N PRO A 74 -3.78 -6.86 -13.95
CA PRO A 74 -3.98 -5.79 -12.95
C PRO A 74 -2.97 -4.65 -12.99
N ASN A 75 -1.80 -4.83 -13.61
CA ASN A 75 -0.81 -3.75 -13.56
C ASN A 75 -1.18 -2.57 -14.45
N ILE A 76 -2.25 -2.66 -15.23
CA ILE A 76 -2.74 -1.49 -15.95
C ILE A 76 -3.30 -0.46 -14.97
N LEU A 77 -3.76 -0.91 -13.80
CA LEU A 77 -4.19 0.03 -12.77
C LEU A 77 -3.01 0.84 -12.24
N ILE A 78 -1.81 0.28 -12.28
CA ILE A 78 -0.63 1.04 -11.89
C ILE A 78 -0.37 2.17 -12.89
N ALA A 79 -0.66 1.92 -14.17
CA ALA A 79 -0.59 3.00 -15.16
C ALA A 79 -1.58 4.11 -14.82
N SER A 80 -2.77 3.74 -14.34
CA SER A 80 -3.73 4.74 -13.89
C SER A 80 -3.17 5.57 -12.75
N LEU A 81 -2.53 4.91 -11.76
CA LEU A 81 -1.83 5.61 -10.69
C LEU A 81 -0.84 6.62 -11.26
N ALA A 82 0.06 6.17 -12.13
CA ALA A 82 1.15 7.02 -12.61
C ALA A 82 0.63 8.21 -13.39
N LEU A 83 -0.39 8.01 -14.23
CA LEU A 83 -0.94 9.12 -14.99
C LEU A 83 -1.60 10.15 -14.07
N GLY A 84 -2.33 9.68 -13.07
CA GLY A 84 -2.97 10.61 -12.14
C GLY A 84 -1.97 11.44 -11.36
N ASP A 85 -0.87 10.82 -10.93
CA ASP A 85 0.17 11.58 -10.25
C ASP A 85 0.91 12.51 -11.20
N LEU A 86 1.07 12.10 -12.47
CA LEU A 86 1.74 12.94 -13.45
C LEU A 86 0.97 14.25 -13.67
N LEU A 87 -0.36 14.17 -13.77
CA LEU A 87 -1.15 15.38 -13.99
C LEU A 87 -1.05 16.33 -12.81
N HIS A 88 -1.03 15.79 -11.59
CA HIS A 88 -0.80 16.63 -10.41
C HIS A 88 0.59 17.26 -10.46
N ILE A 89 1.59 16.49 -10.88
CA ILE A 89 2.97 16.98 -10.85
C ILE A 89 3.16 18.13 -11.83
N VAL A 90 2.62 18.00 -13.05
CA VAL A 90 2.89 19.00 -14.07
C VAL A 90 2.06 20.27 -13.87
N ILE A 91 0.87 20.15 -13.29
CA ILE A 91 -0.01 21.31 -13.15
C ILE A 91 0.13 21.95 -11.78
N ALA A 92 0.07 21.16 -10.72
CA ALA A 92 -0.13 21.73 -9.39
C ALA A 92 1.17 22.15 -8.74
N ILE A 93 2.22 21.34 -8.88
CA ILE A 93 3.46 21.54 -8.13
C ILE A 93 4.19 22.81 -8.58
N PRO A 94 4.33 23.10 -9.89
CA PRO A 94 4.94 24.39 -10.26
C PRO A 94 4.17 25.59 -9.73
N ILE A 95 2.83 25.54 -9.77
CA ILE A 95 2.03 26.61 -9.19
C ILE A 95 2.36 26.79 -7.72
N ASN A 96 2.47 25.68 -6.97
CA ASN A 96 2.79 25.77 -5.55
C ASN A 96 4.18 26.36 -5.34
N VAL A 97 5.13 26.01 -6.21
CA VAL A 97 6.48 26.57 -6.09
C VAL A 97 6.46 28.07 -6.30
N TYR A 98 5.74 28.53 -7.33
CA TYR A 98 5.62 29.97 -7.55
C TYR A 98 4.96 30.66 -6.37
N LYS A 99 3.92 30.04 -5.80
CA LYS A 99 3.24 30.63 -4.65
C LYS A 99 4.18 30.75 -3.45
N LEU A 100 4.97 29.71 -3.20
CA LEU A 100 5.89 29.73 -2.06
C LEU A 100 6.90 30.86 -2.18
N LEU A 101 7.53 30.98 -3.34
CA LEU A 101 8.56 32.00 -3.52
C LEU A 101 7.96 33.40 -3.50
N ALA A 102 6.74 33.56 -4.02
CA ALA A 102 6.12 34.87 -4.08
C ALA A 102 5.63 35.35 -2.72
N GLU A 103 5.45 34.44 -1.77
CA GLU A 103 4.87 34.75 -0.45
C GLU A 103 3.46 35.31 -0.59
N ASP A 104 2.82 35.03 -1.72
CA ASP A 104 1.50 35.55 -2.05
C ASP A 104 0.91 34.61 -3.09
N TRP A 105 -0.39 34.77 -3.32
CA TRP A 105 -0.95 34.06 -4.46
C TRP A 105 -0.91 34.98 -5.68
N PRO A 106 0.01 34.74 -6.61
CA PRO A 106 0.17 35.65 -7.75
C PRO A 106 -0.84 35.43 -8.87
N PHE A 107 -1.62 34.36 -8.82
CA PHE A 107 -2.45 33.96 -9.95
C PHE A 107 -3.88 34.48 -9.76
N GLY A 108 -4.73 34.16 -10.74
CA GLY A 108 -6.12 34.54 -10.69
C GLY A 108 -6.97 33.53 -9.95
N ALA A 109 -8.29 33.76 -9.99
CA ALA A 109 -9.21 32.86 -9.30
C ALA A 109 -9.31 31.51 -9.98
N GLU A 110 -9.18 31.47 -11.31
CA GLU A 110 -9.27 30.21 -12.05
C GLU A 110 -8.18 29.24 -11.60
N MET A 111 -6.94 29.74 -11.53
CA MET A 111 -5.84 28.89 -11.04
C MET A 111 -6.07 28.48 -9.60
N CYS A 112 -6.64 29.37 -8.79
CA CYS A 112 -6.96 29.04 -7.41
C CYS A 112 -7.96 27.92 -7.31
N LYS A 113 -8.90 27.84 -8.27
CA LYS A 113 -9.85 26.73 -8.29
C LYS A 113 -9.25 25.48 -8.91
N LEU A 114 -8.32 25.64 -9.86
CA LEU A 114 -7.84 24.50 -10.64
C LEU A 114 -6.91 23.61 -9.80
N VAL A 115 -5.98 24.23 -9.07
CA VAL A 115 -4.95 23.45 -8.37
C VAL A 115 -5.54 22.48 -7.35
N PRO A 116 -6.38 22.92 -6.39
CA PRO A 116 -6.92 21.94 -5.43
C PRO A 116 -7.86 20.95 -6.07
N PHE A 117 -8.53 21.32 -7.17
CA PHE A 117 -9.34 20.36 -7.90
C PHE A 117 -8.48 19.25 -8.48
N ILE A 118 -7.39 19.62 -9.15
CA ILE A 118 -6.48 18.64 -9.74
C ILE A 118 -5.89 17.75 -8.66
N GLN A 119 -5.42 18.37 -7.58
CA GLN A 119 -4.78 17.58 -6.52
C GLN A 119 -5.75 16.59 -5.90
N LYS A 120 -6.94 17.05 -5.51
CA LYS A 120 -7.92 16.16 -4.90
C LYS A 120 -8.32 15.03 -5.85
N ALA A 121 -8.50 15.35 -7.14
CA ALA A 121 -8.81 14.31 -8.11
C ALA A 121 -7.68 13.29 -8.21
N SER A 122 -6.44 13.76 -8.10
CA SER A 122 -5.30 12.86 -8.30
C SER A 122 -5.16 11.85 -7.17
N VAL A 123 -5.32 12.28 -5.91
CA VAL A 123 -5.17 11.30 -4.84
C VAL A 123 -6.41 10.41 -4.76
N GLY A 124 -7.55 10.89 -5.24
CA GLY A 124 -8.69 10.00 -5.43
C GLY A 124 -8.41 8.89 -6.42
N ILE A 125 -7.75 9.22 -7.53
CA ILE A 125 -7.34 8.19 -8.49
C ILE A 125 -6.38 7.21 -7.83
N THR A 126 -5.46 7.73 -7.02
CA THR A 126 -4.55 6.85 -6.28
C THR A 126 -5.31 5.97 -5.30
N VAL A 127 -6.24 6.55 -4.55
CA VAL A 127 -6.99 5.80 -3.55
C VAL A 127 -7.78 4.68 -4.20
N LEU A 128 -8.52 4.99 -5.27
CA LEU A 128 -9.38 4.00 -5.89
C LEU A 128 -8.59 2.99 -6.72
N SER A 129 -7.48 3.42 -7.34
CA SER A 129 -6.64 2.46 -8.06
C SER A 129 -6.04 1.43 -7.12
N LEU A 130 -5.56 1.88 -5.95
CA LEU A 130 -5.00 0.94 -4.99
C LEU A 130 -6.05 -0.05 -4.48
N CYS A 131 -7.27 0.44 -4.24
CA CYS A 131 -8.37 -0.46 -3.89
C CYS A 131 -8.61 -1.46 -5.00
N ALA A 132 -8.73 -0.98 -6.24
CA ALA A 132 -8.97 -1.87 -7.37
C ALA A 132 -7.84 -2.87 -7.55
N LEU A 133 -6.59 -2.41 -7.39
CA LEU A 133 -5.45 -3.31 -7.54
C LEU A 133 -5.48 -4.44 -6.51
N SER A 134 -5.78 -4.11 -5.25
CA SER A 134 -5.85 -5.13 -4.22
C SER A 134 -7.01 -6.09 -4.45
N ILE A 135 -8.11 -5.62 -5.03
CA ILE A 135 -9.24 -6.49 -5.32
C ILE A 135 -8.92 -7.42 -6.48
N ASP A 136 -8.35 -6.87 -7.56
CA ASP A 136 -8.07 -7.67 -8.74
C ASP A 136 -6.96 -8.67 -8.50
N ARG A 137 -5.98 -8.32 -7.66
CA ARG A 137 -4.96 -9.30 -7.27
C ARG A 137 -5.58 -10.44 -6.48
N TYR A 138 -6.51 -10.11 -5.57
CA TYR A 138 -7.21 -11.16 -4.84
C TYR A 138 -7.97 -12.08 -5.78
N ARG A 139 -8.67 -11.51 -6.77
CA ARG A 139 -9.43 -12.33 -7.71
C ARG A 139 -8.54 -13.28 -8.49
N ALA A 140 -7.34 -12.83 -8.87
CA ALA A 140 -6.45 -13.66 -9.66
C ALA A 140 -5.95 -14.86 -8.86
N VAL A 141 -5.76 -14.67 -7.56
CA VAL A 141 -5.26 -15.74 -6.71
C VAL A 141 -6.32 -16.82 -6.51
N ALA A 142 -7.60 -16.44 -6.57
CA ALA A 142 -8.68 -17.33 -6.19
C ALA A 142 -8.92 -18.47 -7.17
N SER A 143 -8.28 -18.46 -8.34
CA SER A 143 -8.58 -19.41 -9.39
C SER A 143 -7.36 -20.25 -9.76
N TRP A 144 -7.63 -21.44 -10.29
CA TRP A 144 -6.64 -22.28 -10.94
C TRP A 144 -6.80 -22.20 -12.44
N SER A 145 -5.72 -22.53 -13.16
CA SER A 145 -5.73 -22.59 -14.62
C SER A 145 -6.31 -21.31 -15.22
N ARG A 146 -5.87 -20.18 -14.68
CA ARG A 146 -6.26 -18.88 -15.21
C ARG A 146 -5.85 -18.76 -16.67
N ILE A 147 -6.83 -18.52 -17.53
CA ILE A 147 -6.59 -18.31 -18.96
C ILE A 147 -6.80 -16.83 -19.24
N LYS A 148 -5.72 -16.13 -19.55
CA LYS A 148 -5.78 -14.69 -19.76
C LYS A 148 -6.25 -14.36 -21.17
N GLY A 149 -6.94 -13.25 -21.30
CA GLY A 149 -7.28 -12.69 -22.59
C GLY A 149 -6.13 -11.88 -23.16
N ILE A 150 -6.39 -11.27 -24.32
CA ILE A 150 -5.41 -10.47 -25.03
C ILE A 150 -5.86 -9.01 -24.98
N GLY A 151 -4.95 -8.14 -24.54
CA GLY A 151 -5.27 -6.73 -24.38
C GLY A 151 -5.82 -6.42 -22.99
N VAL A 152 -6.21 -5.17 -22.83
CA VAL A 152 -6.82 -4.75 -21.55
C VAL A 152 -8.16 -5.45 -21.40
N PRO A 153 -8.43 -6.13 -20.30
CA PRO A 153 -9.76 -6.71 -20.10
C PRO A 153 -10.82 -5.63 -20.11
N LYS A 154 -11.96 -5.94 -20.74
CA LYS A 154 -13.01 -4.95 -20.91
C LYS A 154 -13.47 -4.39 -19.57
N TRP A 155 -13.57 -5.25 -18.56
CA TRP A 155 -14.10 -4.80 -17.28
C TRP A 155 -13.06 -4.01 -16.48
N THR A 156 -11.78 -4.25 -16.73
CA THR A 156 -10.76 -3.39 -16.13
C THR A 156 -10.79 -2.00 -16.74
N ALA A 157 -11.06 -1.90 -18.04
CA ALA A 157 -11.21 -0.59 -18.68
C ALA A 157 -12.40 0.15 -18.10
N VAL A 158 -13.52 -0.55 -17.87
CA VAL A 158 -14.66 0.07 -17.21
C VAL A 158 -14.27 0.56 -15.81
N GLU A 159 -13.50 -0.26 -15.09
CA GLU A 159 -13.01 0.13 -13.77
C GLU A 159 -12.22 1.44 -13.83
N ILE A 160 -11.35 1.59 -14.83
CA ILE A 160 -10.50 2.77 -14.92
C ILE A 160 -11.34 4.03 -15.12
N VAL A 161 -12.25 3.99 -16.11
CA VAL A 161 -13.13 5.12 -16.36
C VAL A 161 -13.89 5.51 -15.10
N LEU A 162 -14.48 4.50 -14.44
CA LEU A 162 -15.25 4.75 -13.22
C LEU A 162 -14.38 5.40 -12.14
N ILE A 163 -13.17 4.89 -11.95
CA ILE A 163 -12.25 5.46 -10.97
C ILE A 163 -11.99 6.93 -11.26
N TRP A 164 -11.73 7.25 -12.53
CA TRP A 164 -11.39 8.63 -12.88
C TRP A 164 -12.61 9.54 -12.79
N VAL A 165 -13.77 9.06 -13.24
CA VAL A 165 -14.99 9.87 -13.17
C VAL A 165 -15.34 10.18 -11.72
N VAL A 166 -15.29 9.16 -10.86
CA VAL A 166 -15.66 9.36 -9.46
C VAL A 166 -14.68 10.30 -8.78
N SER A 167 -13.38 10.14 -9.04
CA SER A 167 -12.39 11.03 -8.44
C SER A 167 -12.61 12.47 -8.87
N VAL A 168 -12.99 12.69 -10.14
CA VAL A 168 -13.21 14.04 -10.63
C VAL A 168 -14.47 14.65 -10.01
N VAL A 169 -15.55 13.88 -9.97
CA VAL A 169 -16.79 14.36 -9.37
C VAL A 169 -16.57 14.73 -7.91
N LEU A 170 -15.82 13.89 -7.18
CA LEU A 170 -15.57 14.15 -5.77
C LEU A 170 -14.71 15.40 -5.56
N ALA A 171 -13.87 15.74 -6.53
CA ALA A 171 -13.02 16.92 -6.43
C ALA A 171 -13.72 18.19 -6.87
N VAL A 172 -14.91 18.08 -7.48
CA VAL A 172 -15.63 19.27 -7.96
C VAL A 172 -15.83 20.31 -6.85
N PRO A 173 -16.20 19.95 -5.61
CA PRO A 173 -16.41 21.01 -4.60
C PRO A 173 -15.21 21.91 -4.38
N GLU A 174 -13.99 21.43 -4.58
CA GLU A 174 -12.82 22.29 -4.53
C GLU A 174 -12.93 23.40 -5.56
N ALA A 175 -13.28 23.04 -6.80
CA ALA A 175 -13.40 24.03 -7.86
C ALA A 175 -14.49 25.05 -7.54
N ILE A 176 -15.56 24.62 -6.87
CA ILE A 176 -16.64 25.56 -6.55
C ILE A 176 -16.25 26.44 -5.38
N GLY A 177 -15.61 25.85 -4.35
CA GLY A 177 -15.44 26.55 -3.10
C GLY A 177 -14.28 27.53 -3.08
N PHE A 178 -13.19 27.21 -3.77
CA PHE A 178 -11.98 28.02 -3.66
C PHE A 178 -12.13 29.36 -4.38
N ASP A 179 -11.58 30.40 -3.79
CA ASP A 179 -11.54 31.70 -4.44
C ASP A 179 -10.44 32.55 -3.82
N ILE A 180 -10.22 33.72 -4.44
CA ILE A 180 -9.18 34.66 -4.02
C ILE A 180 -9.79 35.68 -3.07
N ILE A 181 -9.12 35.89 -1.94
CA ILE A 181 -9.49 36.94 -0.99
C ILE A 181 -8.24 37.72 -0.64
N THR A 182 -8.45 38.98 -0.24
CA THR A 182 -7.36 39.84 0.20
C THR A 182 -7.35 39.90 1.73
N MET A 183 -6.21 39.55 2.31
CA MET A 183 -6.00 39.59 3.75
C MET A 183 -5.11 40.77 4.10
N ASP A 184 -5.50 41.51 5.14
CA ASP A 184 -4.71 42.63 5.65
C ASP A 184 -3.94 42.16 6.86
N TYR A 185 -2.61 42.15 6.76
CA TYR A 185 -1.75 41.74 7.86
C TYR A 185 -0.93 42.94 8.31
N LYS A 186 -1.39 43.60 9.38
CA LYS A 186 -0.69 44.72 10.00
C LYS A 186 -0.31 45.80 8.99
N GLY A 187 -1.25 46.09 8.09
CA GLY A 187 -1.05 47.09 7.07
C GLY A 187 -0.61 46.58 5.72
N SER A 188 -0.15 45.33 5.64
CA SER A 188 0.29 44.72 4.39
C SER A 188 -0.82 43.84 3.83
N TYR A 189 -1.15 44.06 2.56
CA TYR A 189 -2.24 43.34 1.91
C TYR A 189 -1.69 42.14 1.15
N LEU A 190 -2.31 40.99 1.34
CA LEU A 190 -1.87 39.74 0.73
C LEU A 190 -3.06 39.06 0.07
N ARG A 191 -2.87 38.61 -1.18
CA ARG A 191 -3.85 37.79 -1.84
C ARG A 191 -3.67 36.33 -1.41
N ILE A 192 -4.75 35.68 -1.01
CA ILE A 192 -4.69 34.32 -0.51
C ILE A 192 -5.75 33.47 -1.18
N CYS A 193 -5.33 32.30 -1.67
CA CYS A 193 -6.22 31.32 -2.29
C CYS A 193 -6.63 30.30 -1.23
N LEU A 194 -7.93 30.10 -1.06
CA LEU A 194 -8.42 29.23 0.01
C LEU A 194 -9.88 28.88 -0.26
N LEU A 195 -10.36 27.87 0.47
CA LEU A 195 -11.78 27.56 0.47
C LEU A 195 -12.53 28.71 1.13
N HIS A 196 -13.37 29.39 0.34
CA HIS A 196 -13.88 30.69 0.76
C HIS A 196 -14.64 30.59 2.07
N PRO A 197 -14.42 31.52 3.00
CA PRO A 197 -15.15 31.48 4.28
C PRO A 197 -16.66 31.54 4.14
N VAL A 198 -17.19 32.27 3.17
CA VAL A 198 -18.62 32.31 2.92
C VAL A 198 -18.90 31.52 1.64
N GLN A 199 -19.67 30.45 1.77
CA GLN A 199 -20.09 29.63 0.64
C GLN A 199 -21.53 29.99 0.28
N LYS A 200 -21.83 29.98 -1.02
CA LYS A 200 -23.12 30.47 -1.48
C LYS A 200 -24.24 29.52 -1.11
N THR A 201 -24.08 28.24 -1.41
CA THR A 201 -25.15 27.26 -1.23
C THR A 201 -24.99 26.51 0.09
N ALA A 202 -26.10 25.92 0.54
CA ALA A 202 -26.10 25.19 1.80
C ALA A 202 -25.19 23.97 1.73
N PHE A 203 -25.17 23.28 0.59
CA PHE A 203 -24.26 22.14 0.45
C PHE A 203 -22.81 22.57 0.56
N MET A 204 -22.45 23.66 -0.12
CA MET A 204 -21.07 24.13 -0.08
C MET A 204 -20.69 24.60 1.31
N GLN A 205 -21.65 25.14 2.07
CA GLN A 205 -21.39 25.48 3.46
C GLN A 205 -21.20 24.23 4.30
N PHE A 206 -21.99 23.19 4.04
CA PHE A 206 -21.80 21.93 4.75
C PHE A 206 -20.45 21.31 4.40
N TYR A 207 -20.07 21.35 3.12
CA TYR A 207 -18.79 20.79 2.70
C TYR A 207 -17.64 21.45 3.44
N ALA A 208 -17.66 22.77 3.59
CA ALA A 208 -16.58 23.47 4.27
C ALA A 208 -16.45 23.02 5.72
N THR A 209 -17.58 22.82 6.41
CA THR A 209 -17.55 22.39 7.80
C THR A 209 -17.05 20.95 7.92
N ALA A 210 -17.44 20.09 6.98
CA ALA A 210 -17.18 18.66 7.08
C ALA A 210 -15.93 18.22 6.32
N LYS A 211 -15.26 19.14 5.63
CA LYS A 211 -14.21 18.76 4.69
C LYS A 211 -13.09 17.99 5.37
N ASP A 212 -12.68 18.43 6.56
CA ASP A 212 -11.51 17.82 7.21
C ASP A 212 -11.77 16.38 7.59
N TRP A 213 -12.95 16.10 8.16
CA TRP A 213 -13.31 14.73 8.48
C TRP A 213 -13.52 13.90 7.22
N TRP A 214 -14.09 14.52 6.19
CA TRP A 214 -14.33 13.82 4.93
C TRP A 214 -13.02 13.41 4.28
N LEU A 215 -12.00 14.27 4.32
CA LEU A 215 -10.71 13.94 3.75
C LEU A 215 -10.07 12.75 4.47
N PHE A 216 -10.15 12.73 5.80
CA PHE A 216 -9.63 11.60 6.56
C PHE A 216 -10.39 10.32 6.21
N SER A 217 -11.70 10.44 5.96
CA SER A 217 -12.54 9.26 5.74
C SER A 217 -12.28 8.65 4.37
N PHE A 218 -12.40 9.46 3.31
CA PHE A 218 -12.37 8.88 1.97
C PHE A 218 -10.94 8.65 1.48
N TYR A 219 -10.03 9.58 1.74
CA TYR A 219 -8.69 9.52 1.18
C TYR A 219 -7.69 8.83 2.10
N PHE A 220 -8.11 8.38 3.28
CA PHE A 220 -7.20 7.64 4.15
C PHE A 220 -7.84 6.39 4.73
N CYS A 221 -8.96 6.54 5.43
CA CYS A 221 -9.58 5.40 6.10
C CYS A 221 -10.12 4.39 5.10
N LEU A 222 -10.83 4.87 4.07
CA LEU A 222 -11.39 3.97 3.07
C LEU A 222 -10.33 3.14 2.36
N PRO A 223 -9.24 3.72 1.80
CA PRO A 223 -8.27 2.86 1.12
C PRO A 223 -7.58 1.86 2.04
N LEU A 224 -7.29 2.24 3.28
CA LEU A 224 -6.68 1.29 4.21
C LEU A 224 -7.63 0.15 4.55
N ALA A 225 -8.93 0.45 4.68
CA ALA A 225 -9.89 -0.60 5.00
C ALA A 225 -10.08 -1.56 3.83
N ILE A 226 -10.20 -1.03 2.61
CA ILE A 226 -10.39 -1.89 1.46
C ILE A 226 -9.14 -2.73 1.20
N THR A 227 -7.97 -2.10 1.20
CA THR A 227 -6.76 -2.83 0.80
C THR A 227 -6.32 -3.82 1.88
N ALA A 228 -6.46 -3.47 3.16
CA ALA A 228 -6.10 -4.41 4.21
C ALA A 228 -6.99 -5.65 4.17
N PHE A 229 -8.28 -5.46 3.90
CA PHE A 229 -9.21 -6.58 3.84
C PHE A 229 -8.85 -7.53 2.70
N PHE A 230 -8.68 -7.00 1.50
CA PHE A 230 -8.46 -7.87 0.34
C PHE A 230 -7.03 -8.39 0.27
N TYR A 231 -6.06 -7.62 0.77
CA TYR A 231 -4.72 -8.18 0.91
C TYR A 231 -4.72 -9.36 1.87
N THR A 232 -5.50 -9.26 2.96
CA THR A 232 -5.57 -10.35 3.93
C THR A 232 -6.22 -11.59 3.32
N LEU A 233 -7.32 -11.40 2.60
CA LEU A 233 -7.94 -12.51 1.88
C LEU A 233 -6.95 -13.14 0.90
N MET A 234 -6.21 -12.30 0.17
CA MET A 234 -5.30 -12.80 -0.84
C MET A 234 -4.17 -13.63 -0.24
N THR A 235 -3.56 -13.15 0.85
CA THR A 235 -2.47 -13.90 1.46
C THR A 235 -2.99 -15.19 2.10
N CYS A 236 -4.22 -15.18 2.61
CA CYS A 236 -4.80 -16.41 3.16
C CYS A 236 -4.99 -17.46 2.07
N GLU A 237 -5.48 -17.05 0.90
CA GLU A 237 -5.65 -18.00 -0.20
C GLU A 237 -4.32 -18.40 -0.80
N MET A 238 -3.34 -17.48 -0.82
CA MET A 238 -2.00 -17.85 -1.26
C MET A 238 -1.39 -18.91 -0.36
N LEU A 239 -1.63 -18.79 0.96
CA LEU A 239 -1.08 -19.76 1.90
C LEU A 239 -1.69 -21.15 1.68
N ARG A 240 -3.01 -21.20 1.46
CA ARG A 240 -3.66 -22.49 1.20
C ARG A 240 -3.15 -23.13 -0.08
N LYS A 241 -2.95 -22.32 -1.13
CA LYS A 241 -2.45 -22.87 -2.39
C LYS A 241 -1.00 -23.32 -2.25
N ASN A 242 -0.20 -22.60 -1.48
CA ASN A 242 1.19 -22.99 -1.29
C ASN A 242 1.29 -24.30 -0.49
N ILE A 243 0.46 -24.45 0.55
CA ILE A 243 0.42 -25.71 1.28
C ILE A 243 -0.04 -26.83 0.37
N PHE A 244 -1.04 -26.55 -0.48
CA PHE A 244 -1.52 -27.56 -1.41
C PHE A 244 -0.42 -28.03 -2.35
N GLU A 245 0.32 -27.08 -2.93
CA GLU A 245 1.40 -27.45 -3.84
C GLU A 245 2.54 -28.13 -3.11
N MET A 246 2.82 -27.69 -1.87
CA MET A 246 3.85 -28.33 -1.06
C MET A 246 3.59 -29.83 -0.91
N LEU A 247 2.36 -30.21 -0.58
CA LEU A 247 2.03 -31.62 -0.38
C LEU A 247 2.03 -32.38 -1.70
N ARG A 248 1.54 -31.76 -2.77
CA ARG A 248 1.51 -32.42 -4.06
C ARG A 248 2.93 -32.67 -4.58
N ILE A 249 3.83 -31.71 -4.39
CA ILE A 249 5.22 -31.89 -4.79
C ILE A 249 5.87 -33.00 -3.97
N ASP A 250 5.59 -33.04 -2.67
CA ASP A 250 6.19 -34.05 -1.81
C ASP A 250 5.59 -35.44 -2.02
N GLU A 251 4.39 -35.52 -2.59
CA GLU A 251 3.79 -36.80 -2.92
C GLU A 251 4.16 -37.30 -4.31
N GLY A 252 5.14 -36.66 -4.96
CA GLY A 252 5.57 -37.06 -6.28
C GLY A 252 4.85 -36.39 -7.43
N GLY A 253 3.85 -35.56 -7.15
CA GLY A 253 3.10 -34.87 -8.18
C GLY A 253 1.61 -34.97 -7.95
N GLY A 254 0.88 -34.19 -8.74
CA GLY A 254 -0.56 -34.15 -8.62
C GLY A 254 -1.12 -33.02 -9.47
N SER A 255 -2.40 -32.73 -9.22
CA SER A 255 -3.13 -31.73 -10.00
C SER A 255 -3.88 -30.80 -9.06
N GLY A 256 -3.93 -29.52 -9.44
CA GLY A 256 -4.70 -28.53 -8.73
C GLY A 256 -6.05 -28.28 -9.39
N GLY A 257 -6.79 -27.38 -8.77
CA GLY A 257 -8.15 -27.08 -9.17
C GLY A 257 -9.01 -26.85 -7.95
N ASP A 258 -10.17 -26.22 -8.18
CA ASP A 258 -11.03 -25.82 -7.06
C ASP A 258 -11.51 -27.02 -6.26
N GLU A 259 -11.95 -28.08 -6.95
CA GLU A 259 -12.43 -29.25 -6.22
C GLU A 259 -11.29 -29.95 -5.48
N ALA A 260 -10.15 -30.14 -6.15
CA ALA A 260 -9.01 -30.78 -5.51
C ALA A 260 -8.53 -29.98 -4.30
N GLU A 261 -8.46 -28.66 -4.44
CA GLU A 261 -8.02 -27.84 -3.31
C GLU A 261 -9.00 -27.91 -2.15
N LYS A 262 -10.30 -27.87 -2.44
CA LYS A 262 -11.30 -27.86 -1.38
C LYS A 262 -11.24 -29.15 -0.55
N LEU A 263 -11.16 -30.30 -1.23
CA LEU A 263 -11.00 -31.56 -0.51
C LEU A 263 -9.73 -31.57 0.31
N PHE A 264 -8.63 -31.08 -0.27
CA PHE A 264 -7.36 -31.04 0.46
C PHE A 264 -7.43 -30.10 1.66
N ASN A 265 -8.10 -28.95 1.49
CA ASN A 265 -8.24 -28.02 2.60
C ASN A 265 -9.02 -28.64 3.76
N GLN A 266 -10.01 -29.49 3.46
CA GLN A 266 -10.75 -30.17 4.52
C GLN A 266 -9.85 -31.14 5.27
N ASP A 267 -8.99 -31.87 4.55
CA ASP A 267 -8.02 -32.74 5.21
C ASP A 267 -7.07 -31.92 6.09
N VAL A 268 -6.64 -30.76 5.60
CA VAL A 268 -5.77 -29.88 6.38
C VAL A 268 -6.50 -29.40 7.63
N ASP A 269 -7.73 -28.91 7.46
CA ASP A 269 -8.51 -28.46 8.60
C ASP A 269 -8.71 -29.57 9.62
N ALA A 270 -9.02 -30.78 9.16
CA ALA A 270 -9.15 -31.91 10.07
C ALA A 270 -7.82 -32.23 10.76
N ALA A 271 -6.72 -32.13 10.01
CA ALA A 271 -5.40 -32.41 10.59
C ALA A 271 -5.05 -31.38 11.66
N VAL A 272 -5.37 -30.11 11.43
CA VAL A 272 -5.11 -29.09 12.44
C VAL A 272 -6.03 -29.26 13.64
N ARG A 273 -7.29 -29.61 13.40
CA ARG A 273 -8.21 -29.91 14.50
C ARG A 273 -7.66 -31.02 15.38
N GLY A 274 -7.09 -32.07 14.77
CA GLY A 274 -6.46 -33.10 15.56
C GLY A 274 -5.26 -32.59 16.35
N ILE A 275 -4.42 -31.79 15.70
CA ILE A 275 -3.22 -31.26 16.35
C ILE A 275 -3.60 -30.45 17.59
N LEU A 276 -4.66 -29.64 17.49
CA LEU A 276 -5.05 -28.79 18.60
C LEU A 276 -5.61 -29.59 19.78
N ARG A 277 -6.05 -30.82 19.54
CA ARG A 277 -6.56 -31.68 20.60
C ARG A 277 -5.51 -32.65 21.16
N ASN A 278 -4.28 -32.59 20.68
CA ASN A 278 -3.21 -33.43 21.19
C ASN A 278 -2.21 -32.57 21.95
N ALA A 279 -1.85 -33.03 23.15
CA ALA A 279 -1.16 -32.16 24.11
C ALA A 279 0.30 -31.92 23.71
N LYS A 280 0.93 -32.89 23.06
CA LYS A 280 2.33 -32.71 22.69
C LYS A 280 2.48 -31.70 21.56
N LEU A 281 1.53 -31.70 20.62
CA LEU A 281 1.67 -30.95 19.39
C LEU A 281 1.12 -29.53 19.46
N LYS A 282 0.08 -29.30 20.25
CA LYS A 282 -0.53 -27.97 20.31
C LYS A 282 0.44 -26.87 20.71
N PRO A 283 1.31 -27.02 21.73
CA PRO A 283 2.21 -25.91 22.08
C PRO A 283 3.17 -25.53 20.97
N VAL A 284 3.78 -26.50 20.29
CA VAL A 284 4.68 -26.16 19.20
C VAL A 284 3.90 -25.60 18.01
N TYR A 285 2.71 -26.16 17.74
CA TYR A 285 1.91 -25.67 16.62
C TYR A 285 1.46 -24.24 16.85
N ASP A 286 0.93 -23.94 18.04
CA ASP A 286 0.48 -22.58 18.34
C ASP A 286 1.64 -21.60 18.28
N SER A 287 2.84 -22.02 18.70
CA SER A 287 3.97 -21.12 18.73
C SER A 287 4.50 -20.79 17.34
N LEU A 288 4.29 -21.69 16.37
CA LEU A 288 4.93 -21.56 15.08
C LEU A 288 4.21 -20.55 14.18
N ASP A 289 4.95 -20.03 13.21
CA ASP A 289 4.39 -19.14 12.20
C ASP A 289 3.71 -19.95 11.11
N ALA A 290 3.10 -19.25 10.15
CA ALA A 290 2.25 -19.91 9.16
C ALA A 290 3.06 -20.87 8.28
N VAL A 291 4.22 -20.44 7.80
CA VAL A 291 5.02 -21.28 6.92
C VAL A 291 5.53 -22.50 7.67
N ARG A 292 5.99 -22.32 8.91
CA ARG A 292 6.53 -23.44 9.67
C ARG A 292 5.42 -24.38 10.13
N ARG A 293 4.19 -23.87 10.29
CA ARG A 293 3.06 -24.74 10.59
C ARG A 293 2.78 -25.68 9.42
N ALA A 294 2.97 -25.19 8.18
CA ALA A 294 2.77 -26.04 7.02
C ALA A 294 3.74 -27.21 7.01
N ALA A 295 5.00 -26.98 7.41
CA ALA A 295 5.97 -28.07 7.50
C ALA A 295 5.53 -29.11 8.52
N LEU A 296 5.00 -28.67 9.66
CA LEU A 296 4.52 -29.63 10.65
C LEU A 296 3.28 -30.37 10.15
N ILE A 297 2.39 -29.68 9.45
CA ILE A 297 1.25 -30.34 8.82
C ILE A 297 1.73 -31.34 7.77
N ASN A 298 2.75 -30.97 7.00
CA ASN A 298 3.36 -31.88 6.05
C ASN A 298 3.79 -33.18 6.72
N MET A 299 4.50 -33.06 7.86
CA MET A 299 4.93 -34.25 8.58
C MET A 299 3.73 -35.06 9.05
N VAL A 300 2.69 -34.40 9.57
CA VAL A 300 1.51 -35.12 10.04
C VAL A 300 0.87 -35.90 8.90
N PHE A 301 0.86 -35.31 7.69
CA PHE A 301 0.28 -36.02 6.55
C PHE A 301 1.03 -37.30 6.25
N GLN A 302 2.35 -37.31 6.45
CA GLN A 302 3.15 -38.46 6.06
C GLN A 302 3.10 -39.58 7.09
N MET A 303 3.34 -39.25 8.36
CA MET A 303 3.46 -40.26 9.39
C MET A 303 2.24 -40.37 10.32
N GLY A 304 1.28 -39.47 10.21
CA GLY A 304 0.18 -39.43 11.15
C GLY A 304 0.57 -38.69 12.42
N GLU A 305 -0.45 -38.47 13.26
CA GLU A 305 -0.28 -37.57 14.40
C GLU A 305 0.66 -38.15 15.45
N THR A 306 0.47 -39.42 15.81
CA THR A 306 1.30 -40.01 16.86
C THR A 306 2.75 -40.10 16.45
N GLY A 307 3.02 -40.37 15.16
CA GLY A 307 4.40 -40.41 14.69
C GLY A 307 5.12 -39.08 14.85
N VAL A 308 4.42 -37.98 14.58
CA VAL A 308 5.04 -36.66 14.72
C VAL A 308 5.33 -36.36 16.19
N ALA A 309 4.49 -36.86 17.09
CA ALA A 309 4.68 -36.59 18.52
C ALA A 309 5.98 -37.20 19.05
N GLY A 310 6.57 -38.14 18.32
CA GLY A 310 7.77 -38.80 18.82
C GLY A 310 8.99 -37.90 18.88
N PHE A 311 9.03 -36.87 18.03
CA PHE A 311 10.19 -35.99 17.92
C PHE A 311 10.17 -34.93 19.03
N THR A 312 10.23 -35.42 20.28
CA THR A 312 10.12 -34.52 21.43
C THR A 312 11.23 -33.49 21.45
N ASN A 313 12.48 -33.95 21.27
CA ASN A 313 13.61 -33.02 21.25
C ASN A 313 13.49 -32.02 20.11
N SER A 314 13.07 -32.49 18.93
CA SER A 314 12.90 -31.59 17.79
C SER A 314 11.73 -30.64 17.99
N LEU A 315 10.61 -31.15 18.52
CA LEU A 315 9.46 -30.30 18.80
C LEU A 315 9.82 -29.21 19.80
N ARG A 316 10.59 -29.57 20.85
CA ARG A 316 11.01 -28.59 21.84
C ARG A 316 11.87 -27.50 21.21
N MET A 317 12.77 -27.88 20.31
CA MET A 317 13.65 -26.90 19.67
C MET A 317 12.87 -25.93 18.80
N LEU A 318 11.87 -26.43 18.07
CA LEU A 318 11.05 -25.53 17.27
C LEU A 318 10.17 -24.64 18.15
N GLN A 319 9.78 -25.13 19.33
CA GLN A 319 9.04 -24.30 20.27
C GLN A 319 9.90 -23.13 20.75
N GLN A 320 11.19 -23.35 20.94
CA GLN A 320 12.11 -22.34 21.45
C GLN A 320 12.86 -21.62 20.33
N LYS A 321 12.44 -21.80 19.08
CA LYS A 321 12.94 -21.04 17.93
C LYS A 321 14.40 -21.32 17.61
N ARG A 322 14.91 -22.51 17.97
CA ARG A 322 16.27 -22.89 17.63
C ARG A 322 16.24 -23.61 16.28
N TRP A 323 16.18 -22.80 15.21
CA TRP A 323 15.98 -23.33 13.87
C TRP A 323 17.12 -24.26 13.44
N ASP A 324 18.36 -23.75 13.47
CA ASP A 324 19.51 -24.56 13.07
C ASP A 324 19.63 -25.80 13.95
N GLU A 325 19.47 -25.63 15.27
CA GLU A 325 19.53 -26.76 16.18
C GLU A 325 18.47 -27.81 15.86
N ALA A 326 17.24 -27.37 15.59
CA ALA A 326 16.18 -28.31 15.28
C ALA A 326 16.42 -29.01 13.95
N ALA A 327 17.03 -28.30 12.98
CA ALA A 327 17.29 -28.88 11.68
C ALA A 327 18.20 -30.09 11.79
N VAL A 328 19.25 -30.00 12.60
CA VAL A 328 20.18 -31.11 12.75
C VAL A 328 19.51 -32.30 13.41
N ASN A 329 18.74 -32.06 14.48
CA ASN A 329 18.11 -33.16 15.19
C ASN A 329 17.15 -33.92 14.30
N LEU A 330 16.36 -33.21 13.49
CA LEU A 330 15.46 -33.87 12.55
C LEU A 330 16.24 -34.67 11.51
N ALA A 331 17.36 -34.11 11.02
CA ALA A 331 18.17 -34.82 10.03
C ALA A 331 18.63 -36.18 10.53
N LYS A 332 18.88 -36.29 11.84
CA LYS A 332 19.28 -37.55 12.48
C LYS A 332 18.00 -38.25 12.94
N SER A 333 17.32 -38.88 11.97
CA SER A 333 16.07 -39.57 12.27
C SER A 333 15.85 -40.68 11.26
N ARG A 334 15.04 -41.67 11.65
CA ARG A 334 14.64 -42.70 10.71
C ARG A 334 13.86 -42.11 9.55
N TRP A 335 12.91 -41.20 9.84
CA TRP A 335 12.15 -40.53 8.79
C TRP A 335 13.05 -39.95 7.71
N TYR A 336 14.14 -39.29 8.14
CA TYR A 336 15.10 -38.74 7.19
C TYR A 336 15.73 -39.85 6.35
N ASN A 337 16.10 -40.96 6.98
CA ASN A 337 16.77 -42.03 6.25
C ASN A 337 15.86 -42.64 5.18
N GLN A 338 14.57 -42.83 5.50
CA GLN A 338 13.68 -43.51 4.57
C GLN A 338 13.36 -42.64 3.36
N THR A 339 12.99 -41.38 3.60
CA THR A 339 12.57 -40.46 2.55
C THR A 339 13.40 -39.19 2.65
N PRO A 340 14.67 -39.22 2.24
CA PRO A 340 15.54 -38.07 2.47
C PRO A 340 15.16 -36.82 1.69
N ASN A 341 14.75 -36.96 0.43
CA ASN A 341 14.48 -35.79 -0.40
C ASN A 341 13.34 -34.95 0.19
N ARG A 342 12.26 -35.62 0.61
CA ARG A 342 11.14 -34.90 1.22
C ARG A 342 11.54 -34.31 2.56
N ALA A 343 12.31 -35.06 3.37
CA ALA A 343 12.72 -34.57 4.67
C ALA A 343 13.61 -33.34 4.55
N LYS A 344 14.55 -33.36 3.60
CA LYS A 344 15.40 -32.20 3.38
C LYS A 344 14.57 -30.95 3.09
N ARG A 345 13.59 -31.07 2.20
CA ARG A 345 12.74 -29.94 1.87
C ARG A 345 11.93 -29.47 3.07
N VAL A 346 11.36 -30.41 3.83
CA VAL A 346 10.59 -30.04 5.01
C VAL A 346 11.47 -29.35 6.04
N ILE A 347 12.69 -29.86 6.25
CA ILE A 347 13.54 -29.30 7.29
C ILE A 347 14.05 -27.92 6.88
N THR A 348 14.31 -27.72 5.59
CA THR A 348 14.64 -26.37 5.12
C THR A 348 13.50 -25.40 5.42
N THR A 349 12.25 -25.84 5.24
CA THR A 349 11.10 -25.01 5.57
C THR A 349 11.11 -24.63 7.05
N PHE A 350 11.31 -25.62 7.93
CA PHE A 350 11.46 -25.34 9.36
C PHE A 350 12.60 -24.36 9.60
N ARG A 351 13.73 -24.54 8.89
CA ARG A 351 14.91 -23.74 9.18
C ARG A 351 14.71 -22.29 8.75
N THR A 352 14.22 -22.07 7.53
CA THR A 352 14.14 -20.72 6.98
C THR A 352 12.80 -20.04 7.21
N GLY A 353 11.73 -20.81 7.40
CA GLY A 353 10.41 -20.19 7.44
C GLY A 353 10.00 -19.58 6.13
N THR A 354 10.54 -20.08 5.02
CA THR A 354 10.26 -19.60 3.68
C THR A 354 9.80 -20.76 2.81
N TRP A 355 9.38 -20.43 1.59
CA TRP A 355 8.95 -21.43 0.61
C TRP A 355 10.06 -21.76 -0.39
N ASP A 356 11.32 -21.48 -0.04
CA ASP A 356 12.40 -21.57 -1.01
C ASP A 356 12.64 -22.99 -1.49
N ALA A 357 12.45 -23.98 -0.62
CA ALA A 357 12.68 -25.37 -1.03
C ALA A 357 11.65 -25.85 -2.04
N TYR A 358 10.44 -25.28 -1.99
CA TYR A 358 9.35 -25.66 -2.89
C TYR A 358 9.11 -24.61 -3.97
N LEU A 359 10.05 -23.71 -4.18
CA LEU A 359 9.82 -22.58 -5.07
C LEU A 359 9.64 -23.06 -6.50
N ASN A 360 8.47 -22.79 -7.07
CA ASN A 360 8.24 -22.96 -8.50
C ASN A 360 7.64 -21.67 -9.05
N ASP A 361 7.19 -21.70 -10.31
CA ASP A 361 6.71 -20.47 -10.93
C ASP A 361 5.44 -19.96 -10.26
N HIS A 362 4.53 -20.86 -9.88
CA HIS A 362 3.32 -20.46 -9.18
C HIS A 362 3.65 -19.76 -7.86
N LEU A 363 4.50 -20.38 -7.04
CA LEU A 363 4.88 -19.78 -5.78
C LEU A 363 5.70 -18.51 -5.97
N LYS A 364 6.53 -18.48 -7.02
CA LYS A 364 7.28 -17.27 -7.35
C LYS A 364 6.36 -16.10 -7.68
N GLN A 365 5.36 -16.35 -8.52
CA GLN A 365 4.46 -15.28 -8.95
C GLN A 365 3.59 -14.82 -7.79
N ARG A 366 3.16 -15.74 -6.93
CA ARG A 366 2.39 -15.37 -5.75
C ARG A 366 3.22 -14.49 -4.82
N ARG A 367 4.52 -14.77 -4.68
CA ARG A 367 5.34 -13.97 -3.80
C ARG A 367 5.55 -12.56 -4.35
N GLU A 368 5.78 -12.43 -5.65
CA GLU A 368 5.96 -11.10 -6.23
C GLU A 368 4.68 -10.28 -6.16
N VAL A 369 3.53 -10.93 -6.39
CA VAL A 369 2.25 -10.22 -6.34
C VAL A 369 2.01 -9.65 -4.96
N ALA A 370 2.19 -10.46 -3.92
CA ALA A 370 1.95 -10.01 -2.55
C ALA A 370 2.86 -8.85 -2.20
N LYS A 371 4.10 -8.85 -2.72
CA LYS A 371 5.06 -7.82 -2.35
C LYS A 371 4.68 -6.46 -2.94
N THR A 372 4.31 -6.44 -4.23
CA THR A 372 4.01 -5.17 -4.89
C THR A 372 2.78 -4.51 -4.32
N VAL A 373 1.72 -5.27 -4.09
CA VAL A 373 0.49 -4.70 -3.50
C VAL A 373 0.78 -4.19 -2.09
N PHE A 374 1.47 -5.00 -1.29
CA PHE A 374 1.80 -4.59 0.08
C PHE A 374 2.63 -3.31 0.07
N CYS A 375 3.63 -3.23 -0.79
CA CYS A 375 4.54 -2.09 -0.80
C CYS A 375 3.82 -0.80 -1.19
N LEU A 376 3.01 -0.85 -2.25
CA LEU A 376 2.31 0.35 -2.70
C LEU A 376 1.36 0.88 -1.63
N VAL A 377 0.61 -0.01 -0.98
CA VAL A 377 -0.33 0.41 0.05
C VAL A 377 0.40 0.97 1.26
N LEU A 378 1.48 0.29 1.68
CA LEU A 378 2.24 0.77 2.83
C LEU A 378 2.91 2.12 2.54
N VAL A 379 3.42 2.30 1.32
CA VAL A 379 4.03 3.57 0.96
C VAL A 379 2.99 4.68 0.99
N PHE A 380 1.78 4.41 0.47
CA PHE A 380 0.70 5.40 0.54
C PHE A 380 0.37 5.74 1.99
N ALA A 381 0.25 4.72 2.84
CA ALA A 381 -0.16 4.95 4.22
C ALA A 381 0.87 5.79 4.97
N LEU A 382 2.15 5.45 4.82
CA LEU A 382 3.19 6.18 5.56
C LEU A 382 3.39 7.58 5.02
N CYS A 383 3.22 7.79 3.71
CA CYS A 383 3.36 9.13 3.16
C CYS A 383 2.28 10.07 3.69
N TRP A 384 1.08 9.54 3.92
CA TRP A 384 -0.09 10.37 4.21
C TRP A 384 -0.46 10.41 5.68
N LEU A 385 -0.02 9.45 6.48
CA LEU A 385 -0.40 9.41 7.89
C LEU A 385 -0.03 10.67 8.67
N PRO A 386 1.18 11.26 8.54
CA PRO A 386 1.49 12.45 9.34
C PRO A 386 0.57 13.63 9.06
N LEU A 387 0.27 13.91 7.79
CA LEU A 387 -0.61 15.05 7.50
C LEU A 387 -2.01 14.83 8.04
N HIS A 388 -2.56 13.62 7.85
CA HIS A 388 -3.88 13.33 8.40
C HIS A 388 -3.88 13.44 9.92
N LEU A 389 -2.80 12.98 10.56
CA LEU A 389 -2.67 13.15 12.00
C LEU A 389 -2.60 14.62 12.39
N ALA A 390 -1.88 15.44 11.61
CA ALA A 390 -1.92 16.90 11.79
C ALA A 390 -3.33 17.44 11.85
N ARG A 391 -4.08 17.20 10.77
CA ARG A 391 -5.40 17.77 10.63
C ARG A 391 -6.30 17.32 11.76
N ILE A 392 -6.13 16.07 12.20
CA ILE A 392 -6.98 15.55 13.26
C ILE A 392 -6.64 16.20 14.60
N LEU A 393 -5.35 16.27 14.94
CA LEU A 393 -4.95 16.89 16.20
C LEU A 393 -5.39 18.34 16.26
N LYS A 394 -5.24 19.07 15.15
CA LYS A 394 -5.69 20.46 15.11
C LYS A 394 -7.19 20.56 15.33
N LEU A 395 -7.97 19.69 14.68
CA LEU A 395 -9.42 19.70 14.84
C LEU A 395 -9.81 19.49 16.30
N THR A 396 -9.25 18.46 16.94
CA THR A 396 -9.70 18.08 18.27
C THR A 396 -9.13 18.98 19.36
N LEU A 397 -7.87 19.41 19.23
CA LEU A 397 -7.14 19.96 20.36
C LEU A 397 -6.90 21.47 20.31
N TYR A 398 -6.74 22.08 19.14
CA TYR A 398 -6.28 23.47 19.09
C TYR A 398 -7.41 24.40 19.48
N ASN A 399 -7.29 24.97 20.67
CA ASN A 399 -8.19 26.03 21.13
C ASN A 399 -7.38 27.33 21.16
N GLN A 400 -7.83 28.32 20.39
CA GLN A 400 -7.24 29.64 20.53
C GLN A 400 -7.67 30.28 21.83
N ASN A 401 -8.83 29.88 22.36
CA ASN A 401 -9.31 30.39 23.63
C ASN A 401 -8.47 29.88 24.80
N ASP A 402 -7.81 28.73 24.61
CA ASP A 402 -6.87 28.28 25.62
C ASP A 402 -5.77 29.31 25.78
N PRO A 403 -5.39 29.67 27.00
CA PRO A 403 -4.46 30.80 27.17
C PRO A 403 -3.16 30.64 26.41
N ASN A 404 -2.53 29.46 26.49
CA ASN A 404 -1.27 29.23 25.78
C ASN A 404 -1.57 28.72 24.37
N ARG A 405 -2.16 29.62 23.60
CA ARG A 405 -2.61 29.27 22.26
C ARG A 405 -1.46 29.15 21.27
N CYS A 406 -0.49 30.07 21.33
CA CYS A 406 0.52 30.16 20.29
C CYS A 406 1.51 29.01 20.32
N GLU A 407 1.75 28.44 21.50
CA GLU A 407 2.77 27.39 21.61
C GLU A 407 2.28 26.08 21.01
N LEU A 408 1.03 25.70 21.27
CA LEU A 408 0.49 24.51 20.64
C LEU A 408 0.46 24.66 19.12
N LEU A 409 0.08 25.84 18.63
CA LEU A 409 0.06 26.09 17.19
C LEU A 409 1.41 25.78 16.57
N SER A 410 2.49 26.25 17.21
CA SER A 410 3.84 26.03 16.69
C SER A 410 4.09 24.56 16.36
N PHE A 411 3.68 23.66 17.27
CA PHE A 411 3.88 22.23 17.04
C PHE A 411 3.01 21.73 15.90
N LEU A 412 1.74 22.14 15.86
CA LEU A 412 0.85 21.68 14.79
C LEU A 412 1.28 22.20 13.44
N LEU A 413 1.76 23.44 13.38
CA LEU A 413 2.21 24.01 12.12
C LEU A 413 3.41 23.24 11.57
N VAL A 414 4.33 22.84 12.45
CA VAL A 414 5.51 22.10 12.02
C VAL A 414 5.12 20.71 11.53
N LEU A 415 4.25 20.01 12.28
CA LEU A 415 3.81 18.69 11.83
C LEU A 415 3.02 18.81 10.53
N ASP A 416 2.19 19.86 10.41
CA ASP A 416 1.43 20.04 9.18
C ASP A 416 2.36 20.25 8.00
N TYR A 417 3.43 21.03 8.19
CA TYR A 417 4.41 21.24 7.12
C TYR A 417 5.11 19.94 6.77
N ILE A 418 5.53 19.17 7.77
CA ILE A 418 6.13 17.86 7.53
C ILE A 418 5.14 16.97 6.79
N GLY A 419 3.88 16.97 7.25
CA GLY A 419 2.88 16.13 6.63
C GLY A 419 2.62 16.49 5.18
N ILE A 420 2.68 17.79 4.86
CA ILE A 420 2.47 18.23 3.49
C ILE A 420 3.58 17.70 2.59
N ASN A 421 4.83 17.81 3.04
CA ASN A 421 5.95 17.35 2.23
C ASN A 421 5.97 15.84 2.09
N MET A 422 5.65 15.12 3.18
CA MET A 422 5.64 13.66 3.13
C MET A 422 4.49 13.15 2.26
N ALA A 423 3.31 13.77 2.36
CA ALA A 423 2.22 13.41 1.48
C ALA A 423 2.56 13.71 0.02
N SER A 424 3.28 14.81 -0.21
CA SER A 424 3.72 15.15 -1.55
C SER A 424 4.66 14.11 -2.13
N LEU A 425 5.48 13.48 -1.28
CA LEU A 425 6.45 12.50 -1.76
C LEU A 425 5.76 11.30 -2.41
N ASN A 426 4.52 11.00 -2.01
CA ASN A 426 3.82 9.86 -2.59
C ASN A 426 3.58 10.04 -4.08
N SER A 427 3.61 11.28 -4.58
CA SER A 427 3.42 11.51 -6.00
C SER A 427 4.59 11.01 -6.83
N CYS A 428 5.75 10.79 -6.19
CA CYS A 428 6.92 10.26 -6.88
C CYS A 428 7.41 8.95 -6.30
N ALA A 429 6.73 8.41 -5.28
CA ALA A 429 7.29 7.29 -4.52
C ALA A 429 7.03 5.94 -5.18
N ASN A 430 5.93 5.81 -5.94
CA ASN A 430 5.55 4.49 -6.43
C ASN A 430 6.53 3.92 -7.45
N PRO A 431 7.00 4.66 -8.46
CA PRO A 431 8.03 4.08 -9.35
C PRO A 431 9.27 3.63 -8.60
N ILE A 432 9.74 4.45 -7.65
CA ILE A 432 10.91 4.08 -6.86
C ILE A 432 10.63 2.82 -6.04
N ALA A 433 9.46 2.75 -5.40
CA ALA A 433 9.12 1.57 -4.63
C ALA A 433 9.05 0.33 -5.52
N LEU A 434 8.43 0.45 -6.69
CA LEU A 434 8.38 -0.67 -7.62
C LEU A 434 9.77 -1.09 -8.05
N TYR A 435 10.63 -0.12 -8.38
CA TYR A 435 12.02 -0.41 -8.71
C TYR A 435 12.70 -1.20 -7.59
N LEU A 436 12.45 -0.82 -6.34
CA LEU A 436 13.16 -1.44 -5.22
C LEU A 436 12.62 -2.82 -4.87
N VAL A 437 11.34 -3.09 -5.11
CA VAL A 437 10.68 -4.28 -4.61
C VAL A 437 10.58 -5.38 -5.67
N SER A 438 10.14 -5.04 -6.87
CA SER A 438 9.91 -6.03 -7.91
C SER A 438 11.09 -6.05 -8.88
N LYS A 439 11.71 -7.23 -9.02
CA LYS A 439 12.82 -7.35 -9.97
C LYS A 439 12.36 -7.18 -11.41
N ARG A 440 11.12 -7.56 -11.71
CA ARG A 440 10.56 -7.33 -13.03
C ARG A 440 10.58 -5.84 -13.37
N PHE A 441 10.07 -5.00 -12.47
CA PHE A 441 10.04 -3.57 -12.71
C PHE A 441 11.44 -2.97 -12.73
N LYS A 442 12.31 -3.43 -11.83
CA LYS A 442 13.68 -2.93 -11.81
C LYS A 442 14.38 -3.19 -13.16
N ASN A 443 14.24 -4.40 -13.69
CA ASN A 443 14.82 -4.72 -14.98
C ASN A 443 14.25 -3.82 -16.08
N ALA A 444 12.92 -3.61 -16.07
CA ALA A 444 12.30 -2.79 -17.10
C ALA A 444 12.69 -1.32 -16.97
N PHE A 445 12.90 -0.84 -15.74
CA PHE A 445 13.36 0.53 -15.56
C PHE A 445 14.74 0.74 -16.17
N LYS A 446 15.66 -0.20 -15.95
CA LYS A 446 17.01 -0.08 -16.46
C LYS A 446 17.02 0.00 -17.99
N SER A 447 16.24 -0.86 -18.64
CA SER A 447 16.20 -0.86 -20.11
C SER A 447 15.75 0.49 -20.65
N ALA A 448 14.76 1.10 -20.01
CA ALA A 448 14.18 2.33 -20.54
C ALA A 448 15.09 3.53 -20.30
N LEU A 449 15.71 3.63 -19.13
CA LEU A 449 16.48 4.81 -18.74
C LEU A 449 17.98 4.64 -19.00
N CYS A 450 18.59 3.60 -18.43
CA CYS A 450 20.03 3.44 -18.55
C CYS A 450 20.45 3.10 -19.97
N CYS A 451 19.57 2.44 -20.74
CA CYS A 451 19.88 1.98 -22.08
C CYS A 451 19.27 2.86 -23.16
N TRP A 452 18.84 4.06 -22.81
CA TRP A 452 18.31 4.98 -23.82
C TRP A 452 19.38 5.95 -24.29
#